data_5JBW
#
_entry.id   5JBW
#
_cell.length_a   115.790
_cell.length_b   115.790
_cell.length_c   115.790
_cell.angle_alpha   90.000
_cell.angle_beta   90.000
_cell.angle_gamma   90.000
#
_symmetry.space_group_name_H-M   'P 21 3'
#
loop_
_entity.id
_entity.type
_entity.pdbx_description
1 polymer '3-hydroxybutyryl-CoA dehydratase'
2 water water
#
_entity_poly.entity_id   1
_entity_poly.type   'polypeptide(L)'
_entity_poly.pdbx_seq_one_letter_code
;GHMPEFKVDARGPIEIWTIDGESRRNAISRAMLKELGELVTRVSSSRDVRAVVITGAGDKAFCAGADLKERATMAEDEVR
AFLDGLRRTFRAIEKSDCVFIAAINGAALGGGTELALACDLRVAAPAAELGLTEVKLGIIPGGGGTQRLARLVGPGRAKD
LILTARRINAAEAFSVGLANRLAPEGHLLAVAYGLAESVVENAPIAVATAKHAIDEGTGLELDDALALELRKYEEILKTE
DRLEGLRAFAEKRAPVYKGR
;
_entity_poly.pdbx_strand_id   A
#
# COMPACT_ATOMS: atom_id res chain seq x y z
N HIS A 2 -7.74 25.74 -8.72
CA HIS A 2 -8.04 24.61 -7.80
C HIS A 2 -6.85 23.67 -7.69
N MET A 3 -6.68 23.11 -6.48
CA MET A 3 -5.50 22.29 -6.26
C MET A 3 -5.84 20.80 -6.37
N PRO A 4 -4.92 20.01 -6.93
CA PRO A 4 -5.19 18.58 -7.09
C PRO A 4 -5.36 17.90 -5.74
N GLU A 5 -5.99 16.73 -5.78
CA GLU A 5 -6.20 15.94 -4.56
C GLU A 5 -4.89 15.42 -3.97
N PHE A 6 -3.87 15.17 -4.80
CA PHE A 6 -2.57 14.67 -4.39
C PHE A 6 -1.47 15.64 -4.79
N LYS A 7 -0.51 15.85 -3.90
CA LYS A 7 0.77 16.41 -4.32
C LYS A 7 1.69 15.25 -4.69
N VAL A 8 2.26 15.30 -5.89
CA VAL A 8 3.17 14.27 -6.38
C VAL A 8 4.59 14.82 -6.37
N ASP A 9 5.46 14.21 -5.57
CA ASP A 9 6.89 14.52 -5.52
C ASP A 9 7.62 13.39 -6.25
N ALA A 10 7.88 13.60 -7.55
CA ALA A 10 8.44 12.57 -8.40
C ALA A 10 9.97 12.64 -8.41
N ARG A 11 10.62 11.49 -8.14
CA ARG A 11 12.08 11.42 -8.12
C ARG A 11 12.55 10.20 -8.92
N GLY A 12 12.23 10.20 -10.21
CA GLY A 12 12.56 9.09 -11.06
C GLY A 12 11.88 7.80 -10.66
N PRO A 13 12.65 6.78 -10.25
CA PRO A 13 12.03 5.47 -9.97
C PRO A 13 11.20 5.43 -8.70
N ILE A 14 11.26 6.49 -7.89
CA ILE A 14 10.50 6.64 -6.66
C ILE A 14 9.63 7.89 -6.76
N GLU A 15 8.35 7.77 -6.39
CA GLU A 15 7.44 8.91 -6.21
C GLU A 15 6.86 8.91 -4.79
N ILE A 16 6.60 10.11 -4.28
CA ILE A 16 5.88 10.32 -3.03
C ILE A 16 4.57 11.00 -3.38
N TRP A 17 3.45 10.37 -3.02
CA TRP A 17 2.11 10.91 -3.23
C TRP A 17 1.57 11.33 -1.86
N THR A 18 1.35 12.63 -1.68
CA THR A 18 0.83 13.17 -0.44
C THR A 18 -0.64 13.51 -0.64
N ILE A 19 -1.53 12.91 0.15
CA ILE A 19 -2.94 13.30 0.13
C ILE A 19 -3.02 14.72 0.66
N ASP A 20 -3.45 15.66 -0.19
CA ASP A 20 -3.40 17.08 0.15
C ASP A 20 -4.75 17.51 0.71
N GLY A 21 -5.08 16.98 1.89
CA GLY A 21 -6.42 17.18 2.44
C GLY A 21 -6.44 17.37 3.94
N GLU A 22 -5.44 18.07 4.47
CA GLU A 22 -5.27 18.13 5.91
C GLU A 22 -6.53 18.60 6.62
N SER A 23 -7.23 19.56 6.02
CA SER A 23 -8.39 20.16 6.68
C SER A 23 -9.58 19.23 6.71
N ARG A 24 -9.61 18.21 5.86
CA ARG A 24 -10.65 17.20 5.91
C ARG A 24 -10.11 15.83 6.34
N ARG A 25 -8.99 15.80 7.08
CA ARG A 25 -8.41 14.57 7.60
C ARG A 25 -8.06 13.62 6.46
N ASN A 26 -7.73 14.17 5.29
CA ASN A 26 -7.26 13.41 4.15
C ASN A 26 -8.25 12.31 3.75
N ALA A 27 -9.55 12.62 3.83
CA ALA A 27 -10.59 11.65 3.56
C ALA A 27 -10.67 11.32 2.07
N ILE A 28 -11.28 10.19 1.77
CA ILE A 28 -11.42 9.68 0.40
C ILE A 28 -12.75 10.19 -0.14
N SER A 29 -12.70 11.29 -0.86
CA SER A 29 -13.79 11.72 -1.73
C SER A 29 -13.69 10.96 -3.05
N ARG A 30 -14.74 11.06 -3.85
CA ARG A 30 -14.69 10.41 -5.17
C ARG A 30 -13.58 11.01 -6.03
N ALA A 31 -13.36 12.32 -5.90
CA ALA A 31 -12.30 12.97 -6.68
C ALA A 31 -10.92 12.52 -6.21
N MET A 32 -10.71 12.40 -4.90
CA MET A 32 -9.47 11.82 -4.39
C MET A 32 -9.29 10.41 -4.94
N LEU A 33 -10.35 9.61 -4.90
CA LEU A 33 -10.25 8.24 -5.35
C LEU A 33 -9.95 8.18 -6.84
N LYS A 34 -10.55 9.08 -7.62
CA LYS A 34 -10.28 9.10 -9.05
C LYS A 34 -8.83 9.40 -9.34
N GLU A 35 -8.26 10.42 -8.69
CA GLU A 35 -6.83 10.71 -8.86
C GLU A 35 -5.99 9.51 -8.44
N LEU A 36 -6.28 8.93 -7.27
CA LEU A 36 -5.52 7.76 -6.80
C LEU A 36 -5.52 6.66 -7.86
N GLY A 37 -6.68 6.33 -8.42
CA GLY A 37 -6.76 5.30 -9.44
C GLY A 37 -5.91 5.62 -10.67
N GLU A 38 -5.89 6.88 -11.07
CA GLU A 38 -5.12 7.29 -12.26
C GLU A 38 -3.62 7.22 -12.00
N LEU A 39 -3.19 7.65 -10.81
CA LEU A 39 -1.80 7.52 -10.43
C LEU A 39 -1.36 6.05 -10.43
N VAL A 40 -2.18 5.16 -9.84
CA VAL A 40 -1.84 3.73 -9.81
C VAL A 40 -1.76 3.17 -11.22
N THR A 41 -2.75 3.48 -12.07
CA THR A 41 -2.70 3.04 -13.45
C THR A 41 -1.44 3.54 -14.15
N ARG A 42 -1.06 4.79 -13.91
CA ARG A 42 0.14 5.31 -14.56
C ARG A 42 1.38 4.52 -14.15
N VAL A 43 1.65 4.39 -12.85
CA VAL A 43 2.87 3.70 -12.43
C VAL A 43 2.80 2.22 -12.70
N SER A 44 1.61 1.67 -12.91
CA SER A 44 1.45 0.25 -13.21
C SER A 44 1.63 -0.06 -14.69
N SER A 45 1.72 0.96 -15.56
CA SER A 45 1.73 0.76 -17.01
C SER A 45 3.14 0.72 -17.61
N SER A 46 4.17 0.98 -16.82
CA SER A 46 5.54 0.81 -17.28
C SER A 46 6.40 0.46 -16.06
N ARG A 47 7.70 0.24 -16.28
CA ARG A 47 8.61 0.00 -15.17
CA ARG A 47 8.61 0.00 -15.17
C ARG A 47 9.47 1.23 -14.87
N ASP A 48 9.05 2.41 -15.32
CA ASP A 48 9.75 3.65 -14.95
C ASP A 48 9.70 3.88 -13.43
N VAL A 49 8.53 3.73 -12.83
CA VAL A 49 8.35 3.95 -11.40
C VAL A 49 8.30 2.59 -10.74
N ARG A 50 9.13 2.39 -9.75
CA ARG A 50 9.29 1.09 -9.11
C ARG A 50 8.89 1.05 -7.64
N ALA A 51 8.81 2.21 -6.98
CA ALA A 51 8.27 2.29 -5.62
C ALA A 51 7.53 3.62 -5.45
N VAL A 52 6.42 3.57 -4.72
CA VAL A 52 5.60 4.75 -4.42
C VAL A 52 5.33 4.76 -2.92
N VAL A 53 5.57 5.92 -2.30
CA VAL A 53 5.23 6.18 -0.91
C VAL A 53 3.95 7.00 -0.90
N ILE A 54 2.94 6.53 -0.17
CA ILE A 54 1.68 7.25 -0.01
C ILE A 54 1.62 7.77 1.42
N THR A 55 1.31 9.05 1.59
CA THR A 55 1.21 9.63 2.91
C THR A 55 0.10 10.69 2.90
N GLY A 56 -0.29 11.13 4.09
CA GLY A 56 -1.27 12.20 4.25
C GLY A 56 -0.61 13.49 4.71
N ALA A 57 -1.18 14.62 4.30
CA ALA A 57 -0.66 15.91 4.74
C ALA A 57 -0.93 16.11 6.22
N GLY A 58 0.03 16.70 6.92
CA GLY A 58 -0.11 17.01 8.34
C GLY A 58 0.33 15.91 9.28
N ASP A 59 -0.02 16.11 10.55
CA ASP A 59 0.43 15.24 11.63
C ASP A 59 -0.73 14.59 12.39
N LYS A 60 -1.96 14.72 11.89
CA LYS A 60 -3.12 14.19 12.58
C LYS A 60 -3.74 12.97 11.90
N ALA A 61 -3.80 12.96 10.57
CA ALA A 61 -4.50 11.91 9.84
C ALA A 61 -3.63 11.44 8.67
N PHE A 62 -3.41 10.12 8.62
CA PHE A 62 -3.01 9.50 7.36
C PHE A 62 -4.15 9.57 6.36
N CYS A 63 -5.30 9.04 6.77
CA CYS A 63 -6.48 9.03 5.93
C CYS A 63 -7.67 8.54 6.75
N ALA A 64 -8.69 9.40 6.90
CA ALA A 64 -9.85 9.09 7.72
C ALA A 64 -10.84 8.14 7.05
N GLY A 65 -10.60 7.70 5.82
CA GLY A 65 -11.59 6.89 5.13
C GLY A 65 -12.56 7.73 4.32
N ALA A 66 -13.75 7.15 4.11
CA ALA A 66 -14.71 7.75 3.20
C ALA A 66 -15.08 9.16 3.66
N ASP A 67 -15.20 10.07 2.71
CA ASP A 67 -15.48 11.46 3.04
C ASP A 67 -16.93 11.60 3.45
N LEU A 68 -17.17 11.89 4.72
CA LEU A 68 -18.54 11.95 5.21
C LEU A 68 -19.24 13.27 4.86
N LYS A 69 -18.51 14.32 4.54
CA LYS A 69 -19.17 15.50 3.98
C LYS A 69 -19.77 15.17 2.62
N GLU A 70 -18.98 14.60 1.72
CA GLU A 70 -19.52 14.25 0.41
C GLU A 70 -20.61 13.20 0.52
N ARG A 71 -20.55 12.34 1.54
CA ARG A 71 -21.56 11.30 1.68
C ARG A 71 -22.96 11.89 1.78
N ALA A 72 -23.07 13.10 2.34
CA ALA A 72 -24.37 13.76 2.44
C ALA A 72 -24.95 14.16 1.10
N THR A 73 -24.16 14.13 0.02
CA THR A 73 -24.65 14.45 -1.31
C THR A 73 -24.90 13.22 -2.17
N MET A 74 -24.72 12.01 -1.63
CA MET A 74 -24.61 10.80 -2.44
C MET A 74 -25.78 9.88 -2.12
N ALA A 75 -26.48 9.41 -3.15
CA ALA A 75 -27.55 8.46 -2.95
C ALA A 75 -26.97 7.07 -2.76
N GLU A 76 -27.84 6.14 -2.34
CA GLU A 76 -27.41 4.78 -2.05
C GLU A 76 -26.63 4.17 -3.22
N ASP A 77 -27.12 4.39 -4.45
CA ASP A 77 -26.43 3.78 -5.59
C ASP A 77 -25.07 4.43 -5.83
N GLU A 78 -24.93 5.72 -5.52
CA GLU A 78 -23.63 6.37 -5.62
C GLU A 78 -22.67 5.87 -4.55
N VAL A 79 -23.18 5.57 -3.35
CA VAL A 79 -22.31 5.00 -2.31
C VAL A 79 -21.78 3.64 -2.77
N ARG A 80 -22.66 2.79 -3.30
CA ARG A 80 -22.28 1.47 -3.76
C ARG A 80 -21.24 1.55 -4.88
N ALA A 81 -21.44 2.43 -5.86
CA ALA A 81 -20.45 2.58 -6.93
C ALA A 81 -19.12 3.12 -6.40
N PHE A 82 -19.16 3.96 -5.38
CA PHE A 82 -17.92 4.46 -4.80
C PHE A 82 -17.16 3.34 -4.08
N LEU A 83 -17.87 2.50 -3.32
CA LEU A 83 -17.19 1.42 -2.62
C LEU A 83 -16.64 0.36 -3.58
N ASP A 84 -17.35 0.12 -4.67
CA ASP A 84 -16.85 -0.77 -5.72
C ASP A 84 -15.55 -0.23 -6.30
N GLY A 85 -15.51 1.06 -6.66
CA GLY A 85 -14.28 1.64 -7.16
C GLY A 85 -13.16 1.60 -6.15
N LEU A 86 -13.49 1.74 -4.87
CA LEU A 86 -12.45 1.73 -3.85
C LEU A 86 -11.82 0.34 -3.74
N ARG A 87 -12.66 -0.70 -3.74
CA ARG A 87 -12.18 -2.08 -3.75
C ARG A 87 -11.32 -2.36 -4.96
N ARG A 88 -11.75 -1.91 -6.14
CA ARG A 88 -10.99 -2.14 -7.36
C ARG A 88 -9.63 -1.46 -7.28
N THR A 89 -9.59 -0.27 -6.66
CA THR A 89 -8.32 0.44 -6.54
C THR A 89 -7.38 -0.28 -5.57
N PHE A 90 -7.90 -0.78 -4.45
CA PHE A 90 -7.05 -1.57 -3.56
C PHE A 90 -6.48 -2.79 -4.31
N ARG A 91 -7.33 -3.49 -5.05
CA ARG A 91 -6.86 -4.65 -5.78
C ARG A 91 -5.83 -4.27 -6.87
N ALA A 92 -5.97 -3.09 -7.47
CA ALA A 92 -5.03 -2.62 -8.48
C ALA A 92 -3.66 -2.40 -7.87
N ILE A 93 -3.64 -1.88 -6.64
CA ILE A 93 -2.40 -1.68 -5.91
C ILE A 93 -1.70 -3.02 -5.68
N GLU A 94 -2.47 -4.05 -5.31
CA GLU A 94 -1.88 -5.37 -5.07
C GLU A 94 -1.39 -6.00 -6.36
N LYS A 95 -2.15 -5.84 -7.45
CA LYS A 95 -1.79 -6.48 -8.71
C LYS A 95 -0.69 -5.74 -9.45
N SER A 96 -0.49 -4.47 -9.13
CA SER A 96 0.59 -3.68 -9.71
C SER A 96 1.96 -4.31 -9.50
N ASP A 97 2.81 -4.18 -10.52
CA ASP A 97 4.24 -4.49 -10.39
C ASP A 97 4.98 -3.46 -9.54
N CYS A 98 4.42 -2.27 -9.37
CA CYS A 98 5.06 -1.26 -8.54
C CYS A 98 4.82 -1.58 -7.07
N VAL A 99 5.80 -1.28 -6.23
CA VAL A 99 5.74 -1.50 -4.79
C VAL A 99 5.17 -0.25 -4.13
N PHE A 100 4.29 -0.45 -3.15
CA PHE A 100 3.59 0.64 -2.49
C PHE A 100 3.89 0.60 -1.01
N ILE A 101 4.34 1.73 -0.50
CA ILE A 101 4.70 1.92 0.91
C ILE A 101 3.73 2.95 1.49
N ALA A 102 3.02 2.57 2.55
CA ALA A 102 2.18 3.54 3.25
C ALA A 102 2.99 4.16 4.39
N ALA A 103 3.19 5.48 4.33
CA ALA A 103 3.88 6.21 5.39
C ALA A 103 2.81 6.83 6.27
N ILE A 104 2.56 6.19 7.42
CA ILE A 104 1.41 6.49 8.26
C ILE A 104 1.78 7.62 9.22
N ASN A 105 1.36 8.85 8.86
CA ASN A 105 1.71 10.05 9.59
C ASN A 105 0.73 10.39 10.69
N GLY A 106 -0.38 9.67 10.77
CA GLY A 106 -1.40 9.94 11.75
C GLY A 106 -2.46 8.85 11.77
N ALA A 107 -3.67 9.20 12.16
CA ALA A 107 -4.76 8.25 12.28
C ALA A 107 -5.19 7.75 10.91
N ALA A 108 -5.33 6.44 10.79
CA ALA A 108 -5.99 5.77 9.69
C ALA A 108 -7.26 5.09 10.21
N LEU A 109 -8.37 5.27 9.50
CA LEU A 109 -9.64 4.64 9.85
C LEU A 109 -10.32 4.19 8.57
N GLY A 110 -11.12 3.15 8.72
CA GLY A 110 -12.02 2.76 7.63
C GLY A 110 -11.23 2.49 6.37
N GLY A 111 -11.70 3.07 5.26
CA GLY A 111 -11.01 2.96 3.99
C GLY A 111 -9.58 3.45 4.01
N GLY A 112 -9.23 4.31 4.96
CA GLY A 112 -7.85 4.74 5.02
C GLY A 112 -6.97 3.65 5.59
N THR A 113 -7.48 2.91 6.57
CA THR A 113 -6.77 1.74 7.04
C THR A 113 -6.70 0.67 5.96
N GLU A 114 -7.81 0.47 5.25
CA GLU A 114 -7.82 -0.56 4.19
C GLU A 114 -6.85 -0.18 3.06
N LEU A 115 -6.65 1.12 2.82
CA LEU A 115 -5.60 1.53 1.88
C LEU A 115 -4.22 1.13 2.37
N ALA A 116 -3.93 1.38 3.64
CA ALA A 116 -2.62 1.03 4.20
C ALA A 116 -2.37 -0.47 4.15
N LEU A 117 -3.42 -1.26 4.37
CA LEU A 117 -3.31 -2.73 4.34
C LEU A 117 -3.13 -3.25 2.93
N ALA A 118 -3.64 -2.53 1.92
CA ALA A 118 -3.48 -2.95 0.54
C ALA A 118 -2.07 -2.66 0.02
N CYS A 119 -1.35 -1.76 0.67
CA CYS A 119 0.03 -1.46 0.34
C CYS A 119 0.92 -2.65 0.71
N ASP A 120 2.11 -2.68 0.09
CA ASP A 120 3.05 -3.77 0.33
C ASP A 120 3.76 -3.65 1.66
N LEU A 121 4.09 -2.44 2.08
CA LEU A 121 4.84 -2.20 3.31
C LEU A 121 4.30 -0.93 3.97
N ARG A 122 4.52 -0.81 5.29
CA ARG A 122 4.04 0.30 6.10
C ARG A 122 5.13 0.85 6.99
N VAL A 123 5.22 2.18 7.07
CA VAL A 123 6.11 2.90 8.00
C VAL A 123 5.23 3.75 8.90
N ALA A 124 5.49 3.72 10.23
CA ALA A 124 4.69 4.45 11.21
C ALA A 124 5.51 5.59 11.83
N ALA A 125 4.97 6.80 11.76
CA ALA A 125 5.44 7.90 12.59
C ALA A 125 4.98 7.71 14.02
N PRO A 126 5.55 8.45 14.98
CA PRO A 126 5.06 8.31 16.36
C PRO A 126 3.56 8.53 16.51
N ALA A 127 2.94 9.37 15.68
CA ALA A 127 1.51 9.65 15.81
C ALA A 127 0.64 8.65 15.06
N ALA A 128 1.23 7.65 14.38
CA ALA A 128 0.43 6.70 13.63
C ALA A 128 -0.53 5.97 14.56
N GLU A 129 -1.78 5.86 14.10
CA GLU A 129 -2.84 5.06 14.71
C GLU A 129 -3.65 4.40 13.60
N LEU A 130 -4.08 3.16 13.83
CA LEU A 130 -4.91 2.47 12.86
C LEU A 130 -6.10 1.82 13.55
N GLY A 131 -7.22 1.84 12.86
CA GLY A 131 -8.46 1.33 13.41
C GLY A 131 -9.36 0.88 12.28
N LEU A 132 -10.10 -0.19 12.57
CA LEU A 132 -11.26 -0.62 11.80
C LEU A 132 -12.39 -0.65 12.80
N THR A 133 -13.15 0.44 12.86
CA THR A 133 -14.15 0.64 13.91
C THR A 133 -15.58 0.42 13.42
N GLU A 134 -15.74 -0.18 12.25
CA GLU A 134 -17.06 -0.32 11.65
C GLU A 134 -18.12 -0.94 12.59
N VAL A 135 -17.76 -1.95 13.39
CA VAL A 135 -18.76 -2.62 14.23
C VAL A 135 -19.38 -1.69 15.25
N LYS A 136 -18.70 -0.59 15.62
CA LYS A 136 -19.31 0.43 16.49
C LYS A 136 -20.56 1.02 15.86
N LEU A 137 -20.60 1.06 14.53
CA LEU A 137 -21.69 1.65 13.77
C LEU A 137 -22.58 0.60 13.10
N GLY A 138 -22.42 -0.66 13.45
CA GLY A 138 -23.37 -1.65 12.98
C GLY A 138 -23.07 -2.27 11.64
N ILE A 139 -21.87 -2.06 11.09
CA ILE A 139 -21.47 -2.71 9.84
C ILE A 139 -20.10 -3.35 10.06
N ILE A 140 -19.54 -3.92 8.99
CA ILE A 140 -18.18 -4.43 9.03
C ILE A 140 -17.38 -3.69 7.99
N PRO A 141 -16.06 -3.79 8.05
CA PRO A 141 -15.23 -3.20 7.01
C PRO A 141 -15.72 -3.66 5.65
N GLY A 142 -15.85 -2.72 4.71
CA GLY A 142 -16.35 -3.01 3.39
C GLY A 142 -15.37 -2.89 2.24
N GLY A 143 -14.08 -2.69 2.51
CA GLY A 143 -13.06 -2.62 1.47
C GLY A 143 -11.95 -3.62 1.72
N GLY A 144 -12.33 -4.83 2.15
CA GLY A 144 -11.38 -5.90 2.33
C GLY A 144 -10.66 -5.91 3.63
N GLY A 145 -11.00 -5.00 4.54
CA GLY A 145 -10.22 -4.87 5.76
C GLY A 145 -10.19 -6.10 6.63
N THR A 146 -11.27 -6.90 6.64
CA THR A 146 -11.24 -8.05 7.54
C THR A 146 -10.22 -9.08 7.04
N GLN A 147 -10.22 -9.34 5.74
CA GLN A 147 -9.31 -10.33 5.18
C GLN A 147 -7.88 -9.81 5.18
N ARG A 148 -7.68 -8.57 4.75
CA ARG A 148 -6.32 -8.07 4.65
C ARG A 148 -5.68 -7.95 6.02
N LEU A 149 -6.46 -7.59 7.06
CA LEU A 149 -5.86 -7.53 8.38
C LEU A 149 -5.50 -8.92 8.90
N ALA A 150 -6.42 -9.88 8.75
CA ALA A 150 -6.17 -11.24 9.25
C ALA A 150 -4.97 -11.86 8.53
N ARG A 151 -4.83 -11.64 7.23
CA ARG A 151 -3.69 -12.18 6.49
C ARG A 151 -2.38 -11.62 7.00
N LEU A 152 -2.40 -10.39 7.51
CA LEU A 152 -1.18 -9.74 7.97
C LEU A 152 -0.84 -10.04 9.43
N VAL A 153 -1.82 -10.01 10.34
CA VAL A 153 -1.52 -10.21 11.76
C VAL A 153 -2.18 -11.46 12.35
N GLY A 154 -2.85 -12.27 11.55
CA GLY A 154 -3.45 -13.47 12.09
C GLY A 154 -4.82 -13.25 12.71
N PRO A 155 -5.55 -14.33 12.98
CA PRO A 155 -6.98 -14.21 13.34
C PRO A 155 -7.22 -13.67 14.74
N GLY A 156 -6.35 -13.96 15.69
CA GLY A 156 -6.56 -13.49 17.05
C GLY A 156 -6.39 -11.99 17.15
N ARG A 157 -5.30 -11.47 16.59
CA ARG A 157 -5.10 -10.02 16.62
C ARG A 157 -6.14 -9.29 15.76
N ALA A 158 -6.54 -9.88 14.63
CA ALA A 158 -7.59 -9.27 13.81
C ALA A 158 -8.90 -9.18 14.57
N LYS A 159 -9.30 -10.28 15.23
CA LYS A 159 -10.53 -10.26 16.02
C LYS A 159 -10.45 -9.22 17.12
N ASP A 160 -9.30 -9.11 17.77
CA ASP A 160 -9.12 -8.12 18.81
C ASP A 160 -9.46 -6.74 18.26
N LEU A 161 -8.79 -6.35 17.17
CA LEU A 161 -8.94 -4.99 16.64
C LEU A 161 -10.34 -4.76 16.10
N ILE A 162 -10.86 -5.75 15.35
CA ILE A 162 -12.10 -5.52 14.64
C ILE A 162 -13.31 -5.70 15.57
N LEU A 163 -13.27 -6.68 16.47
CA LEU A 163 -14.44 -6.91 17.32
C LEU A 163 -14.54 -5.90 18.47
N THR A 164 -13.40 -5.44 19.02
CA THR A 164 -13.41 -4.38 20.01
C THR A 164 -13.44 -3.00 19.39
N ALA A 165 -13.07 -2.88 18.11
CA ALA A 165 -13.05 -1.59 17.42
C ALA A 165 -12.07 -0.62 18.08
N ARG A 166 -11.01 -1.15 18.68
CA ARG A 166 -10.02 -0.28 19.32
C ARG A 166 -8.98 0.16 18.29
N ARG A 167 -8.32 1.26 18.60
CA ARG A 167 -7.23 1.73 17.78
C ARG A 167 -5.91 1.20 18.30
N ILE A 168 -5.00 0.93 17.38
CA ILE A 168 -3.67 0.44 17.70
C ILE A 168 -2.67 1.56 17.42
N ASN A 169 -1.70 1.74 18.32
CA ASN A 169 -0.74 2.83 18.17
C ASN A 169 0.52 2.32 17.47
N ALA A 170 1.47 3.24 17.25
CA ALA A 170 2.63 2.95 16.43
C ALA A 170 3.48 1.84 17.03
N ALA A 171 3.67 1.88 18.36
CA ALA A 171 4.52 0.88 19.00
C ALA A 171 3.93 -0.52 18.85
N GLU A 172 2.63 -0.66 19.11
CA GLU A 172 2.02 -1.98 18.97
C GLU A 172 1.97 -2.41 17.52
N ALA A 173 1.69 -1.48 16.60
CA ALA A 173 1.71 -1.82 15.17
C ALA A 173 3.06 -2.38 14.75
N PHE A 174 4.15 -1.80 15.25
CA PHE A 174 5.47 -2.35 14.96
C PHE A 174 5.65 -3.72 15.61
N SER A 175 5.24 -3.89 16.86
CA SER A 175 5.53 -5.16 17.51
C SER A 175 4.80 -6.31 16.81
N VAL A 176 3.58 -6.08 16.31
CA VAL A 176 2.83 -7.16 15.66
C VAL A 176 3.05 -7.23 14.16
N GLY A 177 3.98 -6.43 13.62
CA GLY A 177 4.34 -6.51 12.21
C GLY A 177 3.43 -5.75 11.26
N LEU A 178 2.42 -5.05 11.78
CA LEU A 178 1.59 -4.20 10.94
C LEU A 178 2.38 -3.03 10.38
N ALA A 179 3.31 -2.49 11.15
CA ALA A 179 4.29 -1.53 10.64
C ALA A 179 5.63 -2.23 10.50
N ASN A 180 6.21 -2.18 9.32
CA ASN A 180 7.53 -2.74 9.07
C ASN A 180 8.66 -1.88 9.58
N ARG A 181 8.46 -0.56 9.67
CA ARG A 181 9.45 0.35 10.21
C ARG A 181 8.77 1.35 11.13
N LEU A 182 9.52 1.79 12.13
CA LEU A 182 9.12 2.88 13.01
C LEU A 182 10.01 4.06 12.73
N ALA A 183 9.42 5.19 12.43
CA ALA A 183 10.28 6.33 12.16
C ALA A 183 10.35 7.24 13.39
N PRO A 184 11.53 7.80 13.65
CA PRO A 184 11.61 8.81 14.72
C PRO A 184 10.77 10.03 14.38
N GLU A 185 10.38 10.77 15.42
CA GLU A 185 9.78 12.08 15.29
C GLU A 185 10.39 12.89 14.16
N GLY A 186 9.54 13.32 13.24
CA GLY A 186 9.95 14.22 12.19
C GLY A 186 10.68 13.59 11.02
N HIS A 187 10.95 12.29 11.06
CA HIS A 187 11.70 11.64 9.99
C HIS A 187 10.88 10.63 9.17
N LEU A 188 9.54 10.70 9.23
CA LEU A 188 8.71 9.74 8.52
C LEU A 188 9.13 9.56 7.06
N LEU A 189 9.18 10.66 6.29
CA LEU A 189 9.39 10.49 4.86
C LEU A 189 10.84 10.17 4.54
N ALA A 190 11.79 10.60 5.37
CA ALA A 190 13.17 10.14 5.22
C ALA A 190 13.27 8.62 5.37
N VAL A 191 12.60 8.06 6.39
CA VAL A 191 12.61 6.61 6.58
C VAL A 191 11.88 5.92 5.44
N ALA A 192 10.69 6.42 5.07
CA ALA A 192 9.93 5.77 3.99
C ALA A 192 10.69 5.82 2.67
N TYR A 193 11.35 6.94 2.39
CA TYR A 193 12.11 7.08 1.14
C TYR A 193 13.31 6.13 1.14
N GLY A 194 14.00 6.01 2.27
CA GLY A 194 15.09 5.04 2.36
C GLY A 194 14.60 3.63 2.16
N LEU A 195 13.42 3.31 2.69
CA LEU A 195 12.84 2.01 2.42
C LEU A 195 12.62 1.84 0.92
N ALA A 196 12.04 2.85 0.26
CA ALA A 196 11.82 2.77 -1.18
C ALA A 196 13.13 2.61 -1.94
N GLU A 197 14.18 3.33 -1.52
CA GLU A 197 15.47 3.20 -2.18
C GLU A 197 15.98 1.75 -2.09
N SER A 198 15.76 1.08 -0.96
CA SER A 198 16.25 -0.28 -0.79
C SER A 198 15.49 -1.24 -1.68
N VAL A 199 14.32 -0.86 -2.14
CA VAL A 199 13.57 -1.72 -3.06
C VAL A 199 14.02 -1.49 -4.48
N VAL A 200 14.06 -0.21 -4.91
CA VAL A 200 14.23 0.13 -6.32
C VAL A 200 15.66 -0.08 -6.82
N GLU A 201 16.61 -0.32 -5.94
CA GLU A 201 17.87 -0.76 -6.51
C GLU A 201 17.85 -2.23 -6.92
N ASN A 202 16.81 -2.97 -6.55
CA ASN A 202 16.67 -4.36 -6.97
C ASN A 202 15.90 -4.41 -8.29
N ALA A 203 15.92 -5.55 -8.93
CA ALA A 203 15.40 -5.64 -10.29
C ALA A 203 13.87 -5.56 -10.28
N PRO A 204 13.26 -4.73 -11.15
CA PRO A 204 11.83 -4.43 -11.00
C PRO A 204 10.92 -5.60 -11.31
N ILE A 205 11.27 -6.43 -12.29
CA ILE A 205 10.40 -7.57 -12.58
C ILE A 205 10.56 -8.63 -11.50
N ALA A 206 11.73 -8.70 -10.89
CA ALA A 206 11.97 -9.69 -9.85
C ALA A 206 11.24 -9.29 -8.57
N VAL A 207 11.31 -8.01 -8.20
CA VAL A 207 10.53 -7.48 -7.09
C VAL A 207 9.04 -7.74 -7.32
N ALA A 208 8.54 -7.36 -8.51
CA ALA A 208 7.13 -7.56 -8.83
C ALA A 208 6.73 -9.02 -8.72
N THR A 209 7.52 -9.91 -9.34
CA THR A 209 7.18 -11.32 -9.35
C THR A 209 7.19 -11.92 -7.95
N ALA A 210 8.15 -11.50 -7.12
CA ALA A 210 8.20 -11.99 -5.75
C ALA A 210 7.00 -11.48 -4.95
N LYS A 211 6.65 -10.19 -5.11
CA LYS A 211 5.47 -9.61 -4.48
C LYS A 211 4.22 -10.41 -4.79
N HIS A 212 4.04 -10.76 -6.07
CA HIS A 212 2.86 -11.50 -6.50
C HIS A 212 2.92 -12.95 -6.05
N ALA A 213 4.11 -13.56 -6.06
CA ALA A 213 4.23 -14.93 -5.54
C ALA A 213 3.77 -15.00 -4.10
N ILE A 214 4.19 -14.02 -3.28
CA ILE A 214 3.80 -14.00 -1.87
C ILE A 214 2.28 -13.89 -1.76
N ASP A 215 1.70 -12.91 -2.43
CA ASP A 215 0.27 -12.66 -2.27
C ASP A 215 -0.58 -13.78 -2.87
N GLU A 216 -0.15 -14.33 -4.01
CA GLU A 216 -0.95 -15.34 -4.69
C GLU A 216 -0.82 -16.72 -4.05
N GLY A 217 0.24 -16.97 -3.29
CA GLY A 217 0.41 -18.26 -2.63
C GLY A 217 -0.46 -18.46 -1.40
N THR A 218 -0.91 -17.39 -0.77
CA THR A 218 -1.72 -17.51 0.43
C THR A 218 -3.06 -18.16 0.11
N GLY A 219 -3.43 -19.15 0.92
CA GLY A 219 -4.65 -19.92 0.70
C GLY A 219 -4.46 -21.15 -0.12
N LEU A 220 -3.25 -21.39 -0.61
CA LEU A 220 -2.96 -22.62 -1.34
C LEU A 220 -2.30 -23.61 -0.40
N GLU A 221 -2.52 -24.90 -0.65
CA GLU A 221 -1.74 -25.90 0.04
C GLU A 221 -0.30 -25.88 -0.47
N LEU A 222 0.60 -26.49 0.29
CA LEU A 222 2.04 -26.29 0.07
C LEU A 222 2.45 -26.65 -1.36
N ASP A 223 2.01 -27.80 -1.86
CA ASP A 223 2.51 -28.21 -3.18
C ASP A 223 1.98 -27.29 -4.28
N ASP A 224 0.71 -26.87 -4.17
CA ASP A 224 0.17 -25.93 -5.16
C ASP A 224 0.93 -24.62 -5.10
N ALA A 225 1.27 -24.15 -3.88
CA ALA A 225 1.98 -22.88 -3.75
C ALA A 225 3.40 -23.00 -4.30
N LEU A 226 4.06 -24.15 -4.09
CA LEU A 226 5.41 -24.33 -4.64
C LEU A 226 5.38 -24.40 -6.17
N ALA A 227 4.36 -25.07 -6.73
CA ALA A 227 4.19 -25.09 -8.18
C ALA A 227 4.00 -23.68 -8.72
N LEU A 228 3.22 -22.86 -8.01
CA LEU A 228 3.02 -21.47 -8.43
C LEU A 228 4.34 -20.70 -8.42
N GLU A 229 5.12 -20.84 -7.35
CA GLU A 229 6.42 -20.16 -7.29
C GLU A 229 7.31 -20.59 -8.46
N LEU A 230 7.33 -21.86 -8.78
CA LEU A 230 8.23 -22.37 -9.80
C LEU A 230 7.84 -21.87 -11.20
N ARG A 231 6.54 -21.80 -11.49
CA ARG A 231 6.12 -21.17 -12.75
C ARG A 231 6.64 -19.74 -12.83
N LYS A 232 6.61 -19.00 -11.72
CA LYS A 232 7.07 -17.62 -11.74
C LYS A 232 8.59 -17.55 -11.85
N TYR A 233 9.31 -18.47 -11.18
CA TYR A 233 10.77 -18.56 -11.35
C TYR A 233 11.14 -18.80 -12.81
N GLU A 234 10.47 -19.75 -13.46
CA GLU A 234 10.82 -20.05 -14.85
C GLU A 234 10.48 -18.86 -15.76
N GLU A 235 9.41 -18.13 -15.45
CA GLU A 235 9.10 -16.89 -16.15
C GLU A 235 10.24 -15.88 -16.00
N ILE A 236 10.72 -15.69 -14.77
CA ILE A 236 11.68 -14.60 -14.57
C ILE A 236 13.03 -14.93 -15.20
N LEU A 237 13.38 -16.22 -15.30
CA LEU A 237 14.60 -16.60 -15.99
C LEU A 237 14.65 -16.13 -17.44
N LYS A 238 13.50 -15.90 -18.05
CA LYS A 238 13.46 -15.43 -19.43
C LYS A 238 13.69 -13.94 -19.58
N THR A 239 13.85 -13.18 -18.49
CA THR A 239 14.00 -11.75 -18.65
C THR A 239 15.44 -11.37 -18.98
N GLU A 240 15.60 -10.21 -19.64
CA GLU A 240 16.93 -9.67 -19.89
C GLU A 240 17.58 -9.18 -18.61
N ASP A 241 16.79 -8.64 -17.69
CA ASP A 241 17.33 -8.11 -16.45
C ASP A 241 18.05 -9.17 -15.64
N ARG A 242 17.59 -10.42 -15.67
CA ARG A 242 18.29 -11.43 -14.90
C ARG A 242 19.68 -11.67 -15.45
N LEU A 243 19.87 -11.47 -16.76
CA LEU A 243 21.20 -11.55 -17.33
C LEU A 243 22.06 -10.38 -16.87
N GLU A 244 21.49 -9.16 -16.87
CA GLU A 244 22.22 -8.03 -16.32
C GLU A 244 22.61 -8.29 -14.87
N GLY A 245 21.76 -9.00 -14.11
CA GLY A 245 22.12 -9.29 -12.73
C GLY A 245 23.36 -10.16 -12.64
N LEU A 246 23.42 -11.19 -13.46
CA LEU A 246 24.60 -12.04 -13.52
C LEU A 246 25.82 -11.27 -13.99
N ARG A 247 25.65 -10.41 -15.00
CA ARG A 247 26.79 -9.63 -15.51
C ARG A 247 27.31 -8.66 -14.46
N ALA A 248 26.41 -7.97 -13.77
CA ALA A 248 26.81 -7.04 -12.72
C ALA A 248 27.53 -7.75 -11.59
N PHE A 249 27.02 -8.92 -11.22
CA PHE A 249 27.70 -9.69 -10.18
C PHE A 249 29.09 -10.09 -10.64
N ALA A 250 29.20 -10.63 -11.85
CA ALA A 250 30.50 -11.02 -12.36
C ALA A 250 31.45 -9.84 -12.47
N GLU A 251 30.93 -8.65 -12.78
CA GLU A 251 31.81 -7.50 -13.02
C GLU A 251 31.99 -6.64 -11.77
N LYS A 252 31.45 -7.07 -10.63
CA LYS A 252 31.59 -6.39 -9.33
C LYS A 252 31.19 -4.92 -9.43
N ARG A 253 29.99 -4.71 -9.94
CA ARG A 253 29.44 -3.37 -10.13
C ARG A 253 27.94 -3.40 -9.83
N ALA A 254 27.38 -2.22 -9.64
CA ALA A 254 25.95 -2.13 -9.45
C ALA A 254 25.22 -2.52 -10.73
N PRO A 255 24.13 -3.27 -10.65
CA PRO A 255 23.31 -3.53 -11.83
C PRO A 255 22.54 -2.29 -12.27
N VAL A 256 22.27 -2.23 -13.57
CA VAL A 256 21.44 -1.18 -14.16
C VAL A 256 20.33 -1.91 -14.89
N TYR A 257 19.16 -1.99 -14.26
CA TYR A 257 18.06 -2.78 -14.79
C TYR A 257 17.17 -1.91 -15.66
N LYS A 258 16.63 -2.52 -16.72
CA LYS A 258 15.80 -1.84 -17.71
C LYS A 258 14.33 -2.22 -17.63
N GLY A 259 13.95 -3.19 -16.81
CA GLY A 259 12.56 -3.59 -16.75
C GLY A 259 12.14 -4.47 -17.91
N ARG A 260 13.02 -5.35 -18.37
CA ARG A 260 12.73 -6.27 -19.47
C ARG A 260 13.52 -7.55 -19.24
#